data_6IN7
#
_entry.id   6IN7
#
_cell.length_a   54.784
_cell.length_b   72.256
_cell.length_c   81.721
_cell.angle_alpha   90.00
_cell.angle_beta   90.00
_cell.angle_gamma   90.00
#
_symmetry.space_group_name_H-M   'P 21 21 21'
#
loop_
_entity.id
_entity.type
_entity.pdbx_description
1 polymer 'Sigma factor AlgU negative regulatory protein'
2 polymer 'RNA polymerase sigma-H factor'
3 non-polymer NICOTINAMIDE
4 water water
#
loop_
_entity_poly.entity_id
_entity_poly.type
_entity_poly.pdbx_seq_one_letter_code
_entity_poly.pdbx_strand_id
1 'polypeptide(L)'
;MMSREALQETLSAVMDNEADELELRRVLAACGEDAELRSTWSRYQLARSVMHREPTLPKLDIAAAVSAALADEAAPPKAE
K
;
A
2 'polypeptide(L)'
;MLTQEQDQQLVERVQRGDKRAFDLLVLKYQHKILGLIVRFVHDAQEAQDVAQEAFIKAYRALGNFRGDSAFYTWLYRIAI
NTAKNHLVARGRRPPDSDVTAEDAEFFEGDHALKDIESPERAMLRDEIEATVHQTIQQLPEDLRTALTLREFEGLSYEDI
ATVMQCPVGTVRSRIFRAREAIDKALQPLLREA
;
B
#
loop_
_chem_comp.id
_chem_comp.type
_chem_comp.name
_chem_comp.formula
NCA non-polymer NICOTINAMIDE 'C6 H6 N2 O'
#
# COMPACT_ATOMS: atom_id res chain seq x y z
N MET A 1 -3.29 27.42 -0.93
CA MET A 1 -2.63 26.13 -1.16
C MET A 1 -2.85 25.16 -0.02
N MET A 2 -2.74 23.87 -0.32
CA MET A 2 -2.90 22.85 0.71
C MET A 2 -1.60 22.67 1.48
N SER A 3 -1.69 22.73 2.80
CA SER A 3 -0.55 22.47 3.65
C SER A 3 -0.17 20.99 3.58
N ARG A 4 1.05 20.69 4.03
CA ARG A 4 1.48 19.30 4.09
C ARG A 4 0.54 18.47 4.96
N GLU A 5 0.14 19.03 6.10
CA GLU A 5 -0.83 18.36 6.98
C GLU A 5 -2.15 18.10 6.26
N ALA A 6 -2.63 19.06 5.48
CA ALA A 6 -3.88 18.84 4.77
C ALA A 6 -3.74 17.75 3.72
N LEU A 7 -2.58 17.69 3.06
CA LEU A 7 -2.38 16.66 2.06
C LEU A 7 -2.21 15.29 2.70
N GLN A 8 -1.59 15.22 3.88
CA GLN A 8 -1.54 13.94 4.59
C GLN A 8 -2.93 13.47 4.96
N GLU A 9 -3.79 14.40 5.38
CA GLU A 9 -5.17 14.01 5.66
C GLU A 9 -5.87 13.53 4.40
N THR A 10 -5.61 14.18 3.25
CA THR A 10 -6.17 13.68 2.01
C THR A 10 -5.71 12.25 1.73
N LEU A 11 -4.42 11.95 1.97
CA LEU A 11 -3.95 10.57 1.81
C LEU A 11 -4.76 9.62 2.69
N SER A 12 -5.03 10.00 3.93
CA SER A 12 -5.84 9.17 4.82
C SER A 12 -7.23 8.94 4.23
N ALA A 13 -7.87 9.98 3.68
CA ALA A 13 -9.17 9.77 3.04
C ALA A 13 -9.04 8.83 1.84
N VAL A 14 -7.97 8.99 1.05
CA VAL A 14 -7.79 8.16 -0.14
C VAL A 14 -7.65 6.69 0.25
N MET A 15 -6.91 6.42 1.35
CA MET A 15 -6.77 5.06 1.86
C MET A 15 -8.12 4.39 2.07
N ASP A 16 -9.12 5.19 2.43
CA ASP A 16 -10.47 4.70 2.71
C ASP A 16 -11.43 4.95 1.56
N ASN A 17 -10.93 5.43 0.42
CA ASN A 17 -11.77 5.77 -0.73
C ASN A 17 -12.82 6.82 -0.38
N GLU A 18 -12.46 7.77 0.47
CA GLU A 18 -13.40 8.79 0.91
C GLU A 18 -13.04 10.19 0.43
N ALA A 19 -12.01 10.32 -0.39
CA ALA A 19 -11.55 11.66 -0.76
C ALA A 19 -12.53 12.30 -1.75
N ASP A 20 -12.61 13.62 -1.71
CA ASP A 20 -13.28 14.37 -2.76
C ASP A 20 -12.44 14.40 -4.02
N GLU A 21 -13.08 14.68 -5.16
CA GLU A 21 -12.41 14.53 -6.45
C GLU A 21 -11.25 15.52 -6.60
N LEU A 22 -11.45 16.78 -6.21
CA LEU A 22 -10.40 17.77 -6.42
C LEU A 22 -9.20 17.48 -5.53
N GLU A 23 -9.43 17.20 -4.25
CA GLU A 23 -8.28 16.94 -3.39
C GLU A 23 -7.57 15.65 -3.82
N LEU A 24 -8.30 14.71 -4.43
CA LEU A 24 -7.65 13.52 -4.96
C LEU A 24 -6.68 13.88 -6.08
N ARG A 25 -7.10 14.74 -7.00
CA ARG A 25 -6.18 15.19 -8.06
C ARG A 25 -4.96 15.89 -7.47
N ARG A 26 -5.18 16.78 -6.51
CA ARG A 26 -4.08 17.57 -5.95
C ARG A 26 -3.10 16.70 -5.17
N VAL A 27 -3.60 15.76 -4.36
CA VAL A 27 -2.68 14.93 -3.59
C VAL A 27 -1.87 14.04 -4.51
N LEU A 28 -2.46 13.58 -5.61
CA LEU A 28 -1.70 12.76 -6.55
C LEU A 28 -0.62 13.59 -7.23
N ALA A 29 -0.97 14.80 -7.67
CA ALA A 29 0.03 15.69 -8.24
C ALA A 29 1.14 15.97 -7.23
N ALA A 30 0.79 16.19 -5.96
CA ALA A 30 1.82 16.46 -4.97
C ALA A 30 2.69 15.25 -4.73
N CYS A 31 2.10 14.04 -4.70
CA CYS A 31 2.91 12.84 -4.52
C CYS A 31 3.92 12.66 -5.64
N GLY A 32 3.53 13.01 -6.87
CA GLY A 32 4.46 12.91 -7.98
C GLY A 32 5.72 13.73 -7.77
N GLU A 33 5.63 14.81 -6.99
CA GLU A 33 6.75 15.74 -6.84
C GLU A 33 7.32 15.81 -5.43
N ASP A 34 6.82 15.03 -4.48
CA ASP A 34 7.23 15.19 -3.08
C ASP A 34 7.50 13.82 -2.48
N ALA A 35 8.77 13.53 -2.18
CA ALA A 35 9.14 12.22 -1.67
C ALA A 35 8.57 11.97 -0.28
N GLU A 36 8.48 13.01 0.56
CA GLU A 36 8.03 12.77 1.93
C GLU A 36 6.54 12.42 1.97
N LEU A 37 5.75 12.97 1.05
CA LEU A 37 4.34 12.60 0.97
C LEU A 37 4.16 11.15 0.51
N ARG A 38 4.93 10.71 -0.48
CA ARG A 38 4.89 9.31 -0.88
C ARG A 38 5.29 8.40 0.28
N SER A 39 6.31 8.81 1.05
CA SER A 39 6.73 8.00 2.18
C SER A 39 5.67 7.95 3.27
N THR A 40 4.94 9.05 3.49
CA THR A 40 3.82 9.01 4.43
C THR A 40 2.79 7.98 3.99
N TRP A 41 2.40 8.03 2.70
CA TRP A 41 1.49 7.01 2.18
C TRP A 41 2.06 5.61 2.41
N SER A 42 3.35 5.43 2.11
CA SER A 42 3.97 4.13 2.30
C SER A 42 3.88 3.69 3.76
N ARG A 43 4.14 4.60 4.70
CA ARG A 43 4.11 4.22 6.12
C ARG A 43 2.68 4.02 6.61
N TYR A 44 1.72 4.78 6.09
CA TYR A 44 0.31 4.54 6.46
C TYR A 44 -0.11 3.14 6.06
N GLN A 45 0.30 2.71 4.86
CA GLN A 45 -0.05 1.38 4.37
C GLN A 45 0.71 0.29 5.13
N LEU A 46 1.94 0.57 5.51
CA LEU A 46 2.67 -0.38 6.35
C LEU A 46 1.93 -0.61 7.67
N ALA A 47 1.46 0.48 8.30
CA ALA A 47 0.74 0.33 9.58
C ALA A 47 -0.56 -0.42 9.40
N ARG A 48 -1.29 -0.15 8.32
CA ARG A 48 -2.51 -0.93 8.05
C ARG A 48 -2.19 -2.41 7.93
N SER A 49 -1.13 -2.75 7.18
CA SER A 49 -0.76 -4.16 7.05
C SER A 49 -0.39 -4.75 8.40
N VAL A 50 0.35 -4.02 9.22
CA VAL A 50 0.72 -4.49 10.55
C VAL A 50 -0.53 -4.76 11.38
N MET A 51 -1.46 -3.79 11.41
CA MET A 51 -2.74 -3.96 12.11
C MET A 51 -3.46 -5.23 11.71
N HIS A 52 -3.40 -5.59 10.43
CA HIS A 52 -4.11 -6.75 9.92
C HIS A 52 -3.24 -7.99 9.88
N ARG A 53 -2.06 -7.94 10.49
CA ARG A 53 -1.10 -9.05 10.48
C ARG A 53 -0.85 -9.57 9.07
N GLU A 54 -0.67 -8.66 8.14
CA GLU A 54 -0.37 -8.97 6.75
C GLU A 54 1.11 -8.83 6.49
N PRO A 55 1.61 -9.36 5.37
CA PRO A 55 3.06 -9.34 5.12
C PRO A 55 3.62 -7.92 5.11
N THR A 56 4.72 -7.72 5.84
CA THR A 56 5.47 -6.47 5.74
C THR A 56 6.96 -6.78 5.64
N LEU A 57 7.67 -5.90 4.94
CA LEU A 57 9.11 -5.99 4.76
C LEU A 57 9.67 -4.60 4.99
N PRO A 58 9.74 -4.16 6.25
CA PRO A 58 10.04 -2.75 6.52
C PRO A 58 11.36 -2.32 5.91
N LYS A 59 11.34 -1.12 5.30
CA LYS A 59 12.48 -0.46 4.66
C LYS A 59 12.88 -1.08 3.33
N LEU A 60 12.30 -2.21 2.95
CA LEU A 60 12.60 -2.78 1.64
C LEU A 60 11.77 -2.08 0.57
N ASP A 61 12.41 -1.66 -0.52
CA ASP A 61 11.69 -0.92 -1.54
C ASP A 61 12.12 -1.34 -2.93
N ILE A 62 11.13 -1.67 -3.77
CA ILE A 62 11.30 -1.74 -5.21
C ILE A 62 10.46 -0.70 -5.94
N ALA A 63 9.61 0.05 -5.22
CA ALA A 63 8.71 0.99 -5.89
C ALA A 63 9.46 2.09 -6.60
N ALA A 64 10.58 2.56 -6.03
CA ALA A 64 11.32 3.61 -6.70
C ALA A 64 11.80 3.15 -8.07
N ALA A 65 12.35 1.94 -8.14
CA ALA A 65 12.82 1.40 -9.42
C ALA A 65 11.66 1.16 -10.38
N VAL A 66 10.52 0.66 -9.88
CA VAL A 66 9.36 0.48 -10.74
C VAL A 66 8.94 1.82 -11.34
N SER A 67 8.80 2.83 -10.48
CA SER A 67 8.37 4.15 -10.93
C SER A 67 9.32 4.71 -12.00
N ALA A 68 10.62 4.55 -11.79
CA ALA A 68 11.57 5.08 -12.75
C ALA A 68 11.47 4.35 -14.09
N ALA A 69 11.26 3.03 -14.05
CA ALA A 69 11.04 2.29 -15.29
C ALA A 69 9.75 2.72 -15.97
N LEU A 70 8.70 3.00 -15.20
CA LEU A 70 7.42 3.39 -15.79
C LEU A 70 7.40 4.84 -16.28
N ALA A 71 8.32 5.67 -15.76
CA ALA A 71 8.47 7.01 -16.31
C ALA A 71 8.79 6.97 -17.80
N ASP A 72 9.45 5.91 -18.26
CA ASP A 72 9.81 5.72 -19.66
C ASP A 72 8.74 5.00 -20.49
N GLU A 73 7.54 4.80 -19.94
CA GLU A 73 6.43 4.21 -20.66
C GLU A 73 5.36 5.25 -20.94
N ALA A 74 4.56 4.98 -21.97
CA ALA A 74 3.37 5.79 -22.18
C ALA A 74 2.43 5.65 -20.98
N ALA A 75 1.65 6.69 -20.72
CA ALA A 75 0.63 6.61 -19.67
C ALA A 75 -0.34 5.47 -19.98
N PRO A 76 -0.94 4.86 -18.96
CA PRO A 76 -1.81 3.71 -19.20
C PRO A 76 -3.07 4.13 -19.93
N PRO A 77 -3.70 3.21 -20.66
CA PRO A 77 -4.83 3.59 -21.51
C PRO A 77 -6.03 4.02 -20.69
N LYS A 78 -6.78 4.97 -21.25
CA LYS A 78 -8.02 5.42 -20.64
C LYS A 78 -9.16 4.44 -20.96
N ALA A 79 -9.95 4.10 -19.96
CA ALA A 79 -11.05 3.16 -20.14
C ALA A 79 -12.13 3.74 -21.06
N GLU B 5 -13.96 -3.64 -3.88
CA GLU B 5 -12.81 -2.92 -4.43
C GLU B 5 -12.21 -1.99 -3.38
N GLN B 6 -11.23 -2.53 -2.68
CA GLN B 6 -10.51 -1.80 -1.65
C GLN B 6 -9.74 -0.60 -2.20
N ASP B 7 -9.47 -0.55 -3.52
CA ASP B 7 -8.64 0.53 -4.07
C ASP B 7 -9.42 1.39 -5.05
N GLN B 8 -10.73 1.48 -4.85
CA GLN B 8 -11.62 2.04 -5.86
C GLN B 8 -11.14 3.41 -6.34
N GLN B 9 -10.78 4.31 -5.43
CA GLN B 9 -10.48 5.68 -5.86
C GLN B 9 -9.19 5.75 -6.68
N LEU B 10 -8.14 5.05 -6.25
CA LEU B 10 -6.91 5.05 -7.05
C LEU B 10 -7.11 4.29 -8.36
N VAL B 11 -7.90 3.22 -8.34
CA VAL B 11 -8.18 2.49 -9.58
C VAL B 11 -8.90 3.39 -10.57
N GLU B 12 -9.86 4.18 -10.10
CA GLU B 12 -10.56 5.11 -10.98
C GLU B 12 -9.58 6.04 -11.70
N ARG B 13 -8.58 6.55 -10.96
CA ARG B 13 -7.61 7.46 -11.57
C ARG B 13 -6.67 6.71 -12.50
N VAL B 14 -6.28 5.50 -12.13
CA VAL B 14 -5.45 4.68 -13.02
C VAL B 14 -6.14 4.48 -14.36
N GLN B 15 -7.45 4.20 -14.34
CA GLN B 15 -8.22 4.02 -15.56
C GLN B 15 -8.46 5.31 -16.32
N ARG B 16 -8.10 6.46 -15.76
CA ARG B 16 -8.07 7.72 -16.50
C ARG B 16 -6.65 8.09 -16.89
N GLY B 17 -5.70 7.16 -16.79
CA GLY B 17 -4.36 7.38 -17.27
C GLY B 17 -3.38 7.96 -16.29
N ASP B 18 -3.62 7.81 -14.98
CA ASP B 18 -2.81 8.47 -13.96
C ASP B 18 -1.69 7.55 -13.48
N LYS B 19 -0.45 7.86 -13.88
CA LYS B 19 0.72 7.10 -13.43
C LYS B 19 0.98 7.27 -11.93
N ARG B 20 0.64 8.44 -11.37
CA ARG B 20 0.89 8.66 -9.95
C ARG B 20 0.04 7.74 -9.09
N ALA B 21 -1.21 7.50 -9.51
CA ALA B 21 -2.08 6.59 -8.77
C ALA B 21 -1.54 5.16 -8.80
N PHE B 22 -0.98 4.75 -9.94
CA PHE B 22 -0.35 3.43 -10.00
C PHE B 22 0.82 3.34 -9.04
N ASP B 23 1.67 4.39 -9.01
CA ASP B 23 2.81 4.39 -8.10
C ASP B 23 2.38 4.23 -6.65
N LEU B 24 1.27 4.86 -6.27
CA LEU B 24 0.77 4.66 -4.92
C LEU B 24 0.32 3.22 -4.70
N LEU B 25 -0.26 2.61 -5.73
CA LEU B 25 -0.67 1.21 -5.59
C LEU B 25 0.54 0.29 -5.49
N VAL B 26 1.64 0.61 -6.20
CA VAL B 26 2.87 -0.15 -6.03
C VAL B 26 3.38 -0.02 -4.61
N LEU B 27 3.36 1.19 -4.06
CA LEU B 27 3.82 1.35 -2.68
C LEU B 27 2.95 0.54 -1.73
N LYS B 28 1.65 0.51 -1.97
CA LYS B 28 0.75 -0.21 -1.06
C LYS B 28 1.01 -1.71 -1.10
N TYR B 29 1.27 -2.27 -2.28
CA TYR B 29 1.27 -3.71 -2.44
C TYR B 29 2.65 -4.34 -2.65
N GLN B 30 3.74 -3.55 -2.65
CA GLN B 30 5.03 -4.12 -3.03
C GLN B 30 5.48 -5.20 -2.05
N HIS B 31 5.21 -5.03 -0.75
CA HIS B 31 5.66 -6.05 0.20
C HIS B 31 4.88 -7.35 0.05
N LYS B 32 3.57 -7.28 -0.18
CA LYS B 32 2.80 -8.49 -0.45
C LYS B 32 3.29 -9.20 -1.70
N ILE B 33 3.61 -8.44 -2.74
CA ILE B 33 4.05 -9.06 -4.00
C ILE B 33 5.45 -9.65 -3.82
N LEU B 34 6.34 -8.92 -3.15
CA LEU B 34 7.66 -9.45 -2.85
C LEU B 34 7.56 -10.73 -2.02
N GLY B 35 6.69 -10.74 -1.01
CA GLY B 35 6.53 -11.91 -0.17
C GLY B 35 5.98 -13.11 -0.93
N LEU B 36 5.12 -12.87 -1.90
CA LEU B 36 4.65 -13.95 -2.78
C LEU B 36 5.78 -14.46 -3.66
N ILE B 37 6.52 -13.54 -4.29
CA ILE B 37 7.54 -13.95 -5.26
C ILE B 37 8.64 -14.75 -4.58
N VAL B 38 9.00 -14.36 -3.35
CA VAL B 38 10.11 -15.03 -2.68
C VAL B 38 9.78 -16.49 -2.38
N ARG B 39 8.49 -16.83 -2.28
CA ARG B 39 8.14 -18.23 -2.10
C ARG B 39 8.50 -19.04 -3.34
N PHE B 40 8.49 -18.41 -4.52
CA PHE B 40 8.83 -19.08 -5.77
C PHE B 40 10.33 -19.18 -5.98
N VAL B 41 11.07 -18.07 -5.82
CA VAL B 41 12.45 -18.01 -6.28
C VAL B 41 13.50 -18.28 -5.19
N HIS B 42 13.18 -18.09 -3.91
CA HIS B 42 14.08 -18.45 -2.81
C HIS B 42 15.40 -17.69 -2.86
N ASP B 43 15.42 -16.50 -3.46
CA ASP B 43 16.63 -15.68 -3.50
C ASP B 43 16.22 -14.22 -3.38
N ALA B 44 16.87 -13.48 -2.49
CA ALA B 44 16.44 -12.12 -2.17
C ALA B 44 16.52 -11.20 -3.40
N GLN B 45 17.68 -11.17 -4.07
CA GLN B 45 17.82 -10.28 -5.21
C GLN B 45 16.93 -10.72 -6.37
N GLU B 46 16.87 -12.03 -6.61
CA GLU B 46 16.00 -12.57 -7.67
C GLU B 46 14.54 -12.22 -7.40
N ALA B 47 14.12 -12.33 -6.14
CA ALA B 47 12.74 -11.97 -5.80
C ALA B 47 12.44 -10.51 -6.10
N GLN B 48 13.37 -9.60 -5.74
CA GLN B 48 13.14 -8.19 -6.06
C GLN B 48 13.05 -7.96 -7.55
N ASP B 49 13.95 -8.60 -8.32
CA ASP B 49 13.92 -8.44 -9.77
C ASP B 49 12.59 -8.92 -10.35
N VAL B 50 12.14 -10.09 -9.91
CA VAL B 50 10.92 -10.66 -10.50
C VAL B 50 9.69 -9.90 -10.02
N ALA B 51 9.69 -9.43 -8.76
CA ALA B 51 8.59 -8.58 -8.29
C ALA B 51 8.52 -7.29 -9.10
N GLN B 52 9.67 -6.69 -9.39
CA GLN B 52 9.67 -5.50 -10.23
C GLN B 52 9.13 -5.81 -11.62
N GLU B 53 9.52 -6.96 -12.17
CA GLU B 53 9.03 -7.39 -13.47
C GLU B 53 7.52 -7.57 -13.46
N ALA B 54 7.00 -8.11 -12.36
CA ALA B 54 5.55 -8.28 -12.24
C ALA B 54 4.82 -6.95 -12.27
N PHE B 55 5.32 -5.94 -11.55
CA PHE B 55 4.64 -4.65 -11.55
C PHE B 55 4.68 -3.99 -12.92
N ILE B 56 5.81 -4.10 -13.62
CA ILE B 56 5.90 -3.48 -14.96
C ILE B 56 5.01 -4.22 -15.93
N LYS B 57 4.94 -5.55 -15.82
CA LYS B 57 4.03 -6.33 -16.65
C LYS B 57 2.58 -5.93 -16.38
N ALA B 58 2.21 -5.78 -15.11
CA ALA B 58 0.86 -5.34 -14.78
C ALA B 58 0.57 -3.97 -15.39
N TYR B 59 1.50 -3.03 -15.20
CA TYR B 59 1.33 -1.72 -15.79
C TYR B 59 1.08 -1.82 -17.29
N ARG B 60 1.91 -2.60 -17.99
CA ARG B 60 1.78 -2.72 -19.43
C ARG B 60 0.51 -3.45 -19.84
N ALA B 61 -0.17 -4.13 -18.90
CA ALA B 61 -1.40 -4.84 -19.18
C ALA B 61 -2.65 -4.07 -18.77
N LEU B 62 -2.49 -2.81 -18.33
CA LEU B 62 -3.62 -2.08 -17.79
C LEU B 62 -4.73 -1.87 -18.82
N GLY B 63 -4.39 -1.91 -20.11
CA GLY B 63 -5.42 -1.88 -21.14
C GLY B 63 -6.44 -3.00 -21.00
N ASN B 64 -6.02 -4.15 -20.45
CA ASN B 64 -6.91 -5.28 -20.23
C ASN B 64 -7.54 -5.30 -18.86
N PHE B 65 -7.22 -4.35 -17.99
CA PHE B 65 -7.86 -4.27 -16.68
C PHE B 65 -9.16 -3.51 -16.85
N ARG B 66 -10.26 -4.25 -16.81
CA ARG B 66 -11.59 -3.69 -17.05
C ARG B 66 -12.26 -3.20 -15.78
N GLY B 67 -11.68 -3.45 -14.61
CA GLY B 67 -12.38 -3.17 -13.38
C GLY B 67 -13.41 -4.19 -12.98
N ASP B 68 -13.42 -5.37 -13.61
CA ASP B 68 -14.38 -6.40 -13.22
C ASP B 68 -13.93 -7.13 -11.97
N SER B 69 -12.63 -7.35 -11.81
CA SER B 69 -12.10 -7.88 -10.57
C SER B 69 -11.45 -6.77 -9.76
N ALA B 70 -11.26 -7.04 -8.49
CA ALA B 70 -10.48 -6.15 -7.64
C ALA B 70 -9.08 -5.97 -8.23
N PHE B 71 -8.54 -4.77 -8.09
CA PHE B 71 -7.19 -4.49 -8.58
C PHE B 71 -6.18 -5.49 -8.02
N TYR B 72 -6.22 -5.72 -6.71
CA TYR B 72 -5.20 -6.59 -6.12
C TYR B 72 -5.30 -8.01 -6.69
N THR B 73 -6.52 -8.48 -6.93
CA THR B 73 -6.68 -9.81 -7.52
C THR B 73 -6.07 -9.86 -8.91
N TRP B 74 -6.36 -8.85 -9.74
CA TRP B 74 -5.77 -8.75 -11.07
C TRP B 74 -4.24 -8.68 -10.99
N LEU B 75 -3.72 -7.89 -10.06
CA LEU B 75 -2.26 -7.79 -9.89
C LEU B 75 -1.66 -9.11 -9.40
N TYR B 76 -2.32 -9.73 -8.42
CA TYR B 76 -1.85 -11.01 -7.89
C TYR B 76 -1.72 -12.04 -9.01
N ARG B 77 -2.74 -12.14 -9.86
CA ARG B 77 -2.71 -13.11 -10.95
C ARG B 77 -1.57 -12.83 -11.91
N ILE B 78 -1.27 -11.57 -12.15
CA ILE B 78 -0.15 -11.23 -13.02
C ILE B 78 1.17 -11.60 -12.36
N ALA B 79 1.26 -11.41 -11.04
CA ALA B 79 2.50 -11.79 -10.36
C ALA B 79 2.71 -13.30 -10.41
N ILE B 80 1.62 -14.07 -10.30
CA ILE B 80 1.70 -15.52 -10.39
C ILE B 80 2.17 -15.93 -11.78
N ASN B 81 1.59 -15.32 -12.81
CA ASN B 81 2.01 -15.57 -14.18
C ASN B 81 3.48 -15.21 -14.38
N THR B 82 3.90 -14.05 -13.87
CA THR B 82 5.30 -13.63 -14.01
C THR B 82 6.25 -14.61 -13.34
N ALA B 83 5.94 -15.02 -12.11
CA ALA B 83 6.79 -15.95 -11.38
C ALA B 83 6.84 -17.30 -12.09
N LYS B 84 5.69 -17.77 -12.57
CA LYS B 84 5.65 -19.05 -13.29
C LYS B 84 6.53 -19.01 -14.54
N ASN B 85 6.32 -18.00 -15.39
CA ASN B 85 7.11 -17.88 -16.61
C ASN B 85 8.60 -17.76 -16.28
N HIS B 86 8.94 -16.97 -15.26
CA HIS B 86 10.33 -16.84 -14.82
C HIS B 86 10.92 -18.22 -14.50
N LEU B 87 10.20 -19.00 -13.70
CA LEU B 87 10.75 -20.28 -13.26
C LEU B 87 10.83 -21.28 -14.39
N VAL B 88 9.81 -21.31 -15.26
CA VAL B 88 9.80 -22.26 -16.36
C VAL B 88 10.93 -21.95 -17.34
N ALA B 89 11.15 -20.66 -17.63
CA ALA B 89 12.26 -20.28 -18.50
C ALA B 89 13.61 -20.56 -17.85
N ARG B 90 13.72 -20.29 -16.55
CA ARG B 90 15.02 -20.43 -15.88
C ARG B 90 15.39 -21.90 -15.73
N GLY B 91 14.43 -22.74 -15.39
CA GLY B 91 14.70 -24.13 -15.10
C GLY B 91 15.24 -24.28 -13.70
N ARG B 92 15.78 -25.46 -13.42
CA ARG B 92 16.33 -25.75 -12.10
C ARG B 92 17.43 -24.76 -11.78
N ARG B 93 17.44 -24.30 -10.52
CA ARG B 93 18.42 -23.31 -10.10
C ARG B 93 19.83 -23.87 -10.27
N PRO B 94 20.75 -23.13 -10.91
CA PRO B 94 22.13 -23.61 -11.02
C PRO B 94 22.87 -23.50 -9.69
N PHE B 107 7.10 -22.89 0.91
CA PHE B 107 5.94 -22.16 0.40
C PHE B 107 4.88 -21.94 1.48
N GLU B 108 4.96 -22.71 2.56
CA GLU B 108 3.98 -22.66 3.63
C GLU B 108 4.43 -21.70 4.74
N GLY B 109 3.44 -21.08 5.38
CA GLY B 109 3.67 -20.22 6.53
C GLY B 109 4.68 -19.13 6.23
N ASP B 110 5.59 -18.90 7.18
CA ASP B 110 6.63 -17.88 7.05
C ASP B 110 8.01 -18.48 6.79
N HIS B 111 8.07 -19.76 6.38
CA HIS B 111 9.35 -20.43 6.20
C HIS B 111 10.22 -19.70 5.17
N ALA B 112 9.66 -19.38 4.00
CA ALA B 112 10.45 -18.77 2.94
C ALA B 112 11.06 -17.44 3.41
N LEU B 113 10.21 -16.56 3.94
CA LEU B 113 10.71 -15.26 4.41
C LEU B 113 11.77 -15.42 5.49
N LYS B 114 11.49 -16.26 6.50
CA LYS B 114 12.41 -16.42 7.63
C LYS B 114 13.80 -16.86 7.17
N ASP B 115 13.85 -17.67 6.12
CA ASP B 115 15.12 -18.17 5.61
C ASP B 115 15.85 -17.12 4.78
N ILE B 116 15.11 -16.30 4.04
CA ILE B 116 15.69 -15.43 3.02
C ILE B 116 15.87 -14.01 3.50
N GLU B 117 14.95 -13.50 4.31
CA GLU B 117 14.98 -12.08 4.63
C GLU B 117 16.13 -11.72 5.56
N SER B 118 16.54 -10.46 5.49
CA SER B 118 17.58 -9.95 6.36
C SER B 118 17.20 -10.13 7.82
N PRO B 119 18.06 -10.70 8.66
CA PRO B 119 17.74 -10.79 10.09
C PRO B 119 17.51 -9.43 10.73
N GLU B 120 18.15 -8.39 10.21
CA GLU B 120 17.89 -7.05 10.74
C GLU B 120 16.47 -6.60 10.39
N ARG B 121 15.95 -7.06 9.26
CA ARG B 121 14.60 -6.68 8.87
C ARG B 121 13.57 -7.33 9.77
N ALA B 122 13.81 -8.58 10.18
CA ALA B 122 12.89 -9.23 11.11
C ALA B 122 12.92 -8.57 12.47
N MET B 123 14.10 -8.10 12.90
CA MET B 123 14.18 -7.39 14.18
C MET B 123 13.43 -6.08 14.10
N LEU B 124 13.55 -5.37 12.99
CA LEU B 124 12.83 -4.11 12.83
C LEU B 124 11.32 -4.35 12.79
N ARG B 125 10.87 -5.38 12.06
CA ARG B 125 9.45 -5.69 12.04
C ARG B 125 8.90 -6.00 13.42
N ASP B 126 9.66 -6.74 14.24
CA ASP B 126 9.26 -7.00 15.62
C ASP B 126 9.04 -5.71 16.38
N GLU B 127 9.99 -4.78 16.27
CA GLU B 127 9.86 -3.46 16.90
C GLU B 127 8.65 -2.70 16.39
N ILE B 128 8.44 -2.72 15.08
CA ILE B 128 7.35 -1.98 14.47
C ILE B 128 6.01 -2.54 14.93
N GLU B 129 5.89 -3.87 14.98
CA GLU B 129 4.63 -4.47 15.39
C GLU B 129 4.30 -4.12 16.83
N ALA B 130 5.29 -4.20 17.73
CA ALA B 130 5.06 -3.82 19.13
C ALA B 130 4.70 -2.35 19.25
N THR B 131 5.31 -1.50 18.42
CA THR B 131 5.04 -0.07 18.51
C THR B 131 3.64 0.26 18.01
N VAL B 132 3.22 -0.34 16.89
CA VAL B 132 1.87 -0.09 16.39
C VAL B 132 0.84 -0.46 17.45
N HIS B 133 0.97 -1.65 18.02
CA HIS B 133 -0.06 -2.11 18.94
C HIS B 133 -0.03 -1.32 20.24
N GLN B 134 1.15 -0.88 20.69
CA GLN B 134 1.22 -0.03 21.87
C GLN B 134 0.61 1.35 21.61
N THR B 135 0.86 1.91 20.42
CA THR B 135 0.27 3.21 20.12
C THR B 135 -1.24 3.14 20.06
N ILE B 136 -1.77 2.08 19.44
CA ILE B 136 -3.23 1.96 19.33
C ILE B 136 -3.84 1.76 20.72
N GLN B 137 -3.20 0.93 21.55
CA GLN B 137 -3.64 0.72 22.93
C GLN B 137 -3.77 2.04 23.68
N GLN B 138 -2.86 2.97 23.44
CA GLN B 138 -2.82 4.22 24.19
C GLN B 138 -3.66 5.33 23.57
N LEU B 139 -4.34 5.09 22.44
CA LEU B 139 -5.12 6.13 21.80
C LEU B 139 -6.34 6.49 22.66
N PRO B 140 -6.82 7.73 22.57
CA PRO B 140 -8.15 8.04 23.13
C PRO B 140 -9.19 7.12 22.49
N GLU B 141 -10.26 6.84 23.23
CA GLU B 141 -11.21 5.86 22.72
C GLU B 141 -11.89 6.32 21.43
N ASP B 142 -12.15 7.62 21.30
CA ASP B 142 -12.84 8.06 20.08
C ASP B 142 -11.98 7.79 18.85
N LEU B 143 -10.66 7.99 18.97
CA LEU B 143 -9.75 7.66 17.86
C LEU B 143 -9.69 6.16 17.61
N ARG B 144 -9.47 5.38 18.67
CA ARG B 144 -9.35 3.94 18.46
C ARG B 144 -10.65 3.34 17.93
N THR B 145 -11.79 3.83 18.41
CA THR B 145 -13.07 3.32 17.90
C THR B 145 -13.26 3.67 16.43
N ALA B 146 -13.04 4.93 16.04
CA ALA B 146 -13.19 5.29 14.64
C ALA B 146 -12.26 4.46 13.75
N LEU B 147 -11.00 4.29 14.16
CA LEU B 147 -10.06 3.51 13.37
C LEU B 147 -10.49 2.04 13.27
N THR B 148 -10.96 1.45 14.38
CA THR B 148 -11.35 0.06 14.36
C THR B 148 -12.60 -0.17 13.52
N LEU B 149 -13.57 0.75 13.59
CA LEU B 149 -14.77 0.60 12.79
C LEU B 149 -14.44 0.67 11.30
N ARG B 150 -13.45 1.50 10.96
CA ARG B 150 -13.02 1.62 9.56
C ARG B 150 -12.19 0.42 9.14
N GLU B 151 -11.16 0.09 9.90
CA GLU B 151 -10.17 -0.89 9.48
C GLU B 151 -10.65 -2.32 9.65
N PHE B 152 -11.44 -2.62 10.69
CA PHE B 152 -11.84 -4.00 10.93
C PHE B 152 -13.31 -4.27 10.70
N GLU B 153 -14.17 -3.25 10.76
CA GLU B 153 -15.55 -3.47 10.38
C GLU B 153 -15.86 -3.04 8.96
N GLY B 154 -14.94 -2.31 8.31
CA GLY B 154 -15.15 -1.93 6.92
C GLY B 154 -16.17 -0.83 6.70
N LEU B 155 -16.59 -0.12 7.74
CA LEU B 155 -17.64 0.88 7.59
C LEU B 155 -17.16 2.11 6.86
N SER B 156 -18.04 2.68 6.04
CA SER B 156 -17.78 3.98 5.42
C SER B 156 -17.74 5.05 6.49
N TYR B 157 -17.18 6.23 6.13
CA TYR B 157 -17.20 7.34 7.08
C TYR B 157 -18.62 7.69 7.49
N GLU B 158 -19.56 7.67 6.54
CA GLU B 158 -20.96 7.99 6.86
C GLU B 158 -21.53 7.01 7.89
N ASP B 159 -21.28 5.72 7.69
CA ASP B 159 -21.84 4.73 8.61
C ASP B 159 -21.13 4.78 9.97
N ILE B 160 -19.84 5.13 9.99
CA ILE B 160 -19.16 5.36 11.26
C ILE B 160 -19.75 6.58 11.96
N ALA B 161 -20.01 7.64 11.20
CA ALA B 161 -20.60 8.83 11.78
C ALA B 161 -21.96 8.53 12.41
N THR B 162 -22.73 7.65 11.79
CA THR B 162 -24.02 7.25 12.35
C THR B 162 -23.83 6.43 13.63
N VAL B 163 -22.89 5.49 13.64
CA VAL B 163 -22.66 4.63 14.79
C VAL B 163 -22.13 5.43 15.98
N MET B 164 -21.22 6.38 15.73
CA MET B 164 -20.61 7.18 16.78
C MET B 164 -21.35 8.47 17.05
N GLN B 165 -22.43 8.75 16.32
CA GLN B 165 -23.25 9.94 16.46
C GLN B 165 -22.39 11.21 16.43
N CYS B 166 -21.63 11.36 15.35
CA CYS B 166 -20.85 12.58 15.14
C CYS B 166 -20.94 12.96 13.67
N PRO B 167 -20.52 14.17 13.27
CA PRO B 167 -20.50 14.51 11.84
C PRO B 167 -19.50 13.65 11.07
N VAL B 168 -19.74 13.52 9.77
CA VAL B 168 -18.83 12.72 8.95
C VAL B 168 -17.44 13.35 8.90
N GLY B 169 -17.32 14.67 9.00
CA GLY B 169 -16.00 15.29 9.00
C GLY B 169 -15.20 14.96 10.25
N THR B 170 -15.89 14.76 11.37
CA THR B 170 -15.23 14.34 12.60
C THR B 170 -14.71 12.91 12.50
N VAL B 171 -15.42 12.03 11.81
CA VAL B 171 -14.89 10.69 11.55
C VAL B 171 -13.61 10.79 10.74
N ARG B 172 -13.64 11.56 9.65
CA ARG B 172 -12.46 11.72 8.81
C ARG B 172 -11.26 12.19 9.62
N SER B 173 -11.46 13.20 10.47
CA SER B 173 -10.35 13.77 11.23
C SER B 173 -9.87 12.82 12.31
N ARG B 174 -10.80 12.11 12.95
CA ARG B 174 -10.40 11.14 13.98
C ARG B 174 -9.55 10.03 13.40
N ILE B 175 -9.94 9.50 12.24
CA ILE B 175 -9.16 8.43 11.64
C ILE B 175 -7.79 8.95 11.24
N PHE B 176 -7.76 10.16 10.66
CA PHE B 176 -6.49 10.79 10.34
C PHE B 176 -5.61 10.95 11.58
N ARG B 177 -6.19 11.45 12.68
CA ARG B 177 -5.37 11.68 13.88
C ARG B 177 -4.87 10.35 14.45
N ALA B 178 -5.67 9.30 14.36
CA ALA B 178 -5.20 7.99 14.81
C ALA B 178 -4.02 7.51 13.98
N ARG B 179 -4.13 7.64 12.65
CA ARG B 179 -3.04 7.23 11.78
C ARG B 179 -1.81 8.10 11.98
N GLU B 180 -1.99 9.39 12.27
CA GLU B 180 -0.84 10.26 12.50
C GLU B 180 -0.12 9.87 13.78
N ALA B 181 -0.86 9.49 14.82
CA ALA B 181 -0.23 9.06 16.08
C ALA B 181 0.57 7.79 15.85
N ILE B 182 0.00 6.82 15.14
CA ILE B 182 0.76 5.62 14.79
C ILE B 182 1.98 6.00 13.97
N ASP B 183 1.80 6.88 12.99
CA ASP B 183 2.89 7.21 12.08
C ASP B 183 4.02 7.94 12.80
N LYS B 184 3.68 8.81 13.75
CA LYS B 184 4.72 9.54 14.47
C LYS B 184 5.58 8.59 15.31
N ALA B 185 4.97 7.53 15.83
CA ALA B 185 5.73 6.50 16.54
C ALA B 185 6.55 5.64 15.58
N LEU B 186 6.09 5.43 14.35
CA LEU B 186 6.84 4.60 13.41
C LEU B 186 7.94 5.36 12.68
N GLN B 187 7.77 6.67 12.47
CA GLN B 187 8.74 7.44 11.68
C GLN B 187 10.18 7.24 12.13
N PRO B 188 10.52 7.34 13.43
CA PRO B 188 11.93 7.13 13.81
C PRO B 188 12.41 5.72 13.55
N LEU B 189 11.51 4.73 13.56
CA LEU B 189 11.92 3.36 13.31
C LEU B 189 12.21 3.10 11.84
N LEU B 190 11.69 3.93 10.94
CA LEU B 190 11.84 3.68 9.51
C LEU B 190 12.82 4.63 8.83
N1 NCA C . 13.37 -10.05 -1.02
C2 NCA C . 14.23 -9.58 -0.13
C3 NCA C . 14.00 -9.65 1.23
C4 NCA C . 12.82 -10.24 1.67
C5 NCA C . 11.94 -10.72 0.70
C6 NCA C . 12.24 -10.62 -0.65
C7 NCA C . 15.03 -9.07 2.20
O7 NCA C . 14.88 -9.09 3.38
N7 NCA C . 16.21 -8.48 1.62
#